data_7JXY
#
_entry.id   7JXY
#
_cell.length_a   87.280
_cell.length_b   87.280
_cell.length_c   151.430
_cell.angle_alpha   90.000
_cell.angle_beta   90.000
_cell.angle_gamma   90.000
#
_symmetry.space_group_name_H-M   'P 43 21 2'
#
loop_
_entity.id
_entity.type
_entity.pdbx_description
1 polymer 'Tau-tubulin kinase 1'
2 non-polymer (3S)-1-[1-(2-aminopyrimidin-4-yl)-1H-pyrazolo[4,3-c]pyridin-6-yl]-3-methylpent-1-yn-3-ol
3 water water
#
_entity_poly.entity_id   1
_entity_poly.type   'polypeptide(L)'
_entity_poly.pdbx_seq_one_letter_code
;GHMSGGGEQADILPANYVVKDRWKVLKKIGGGGFGEIYEAMDLLTRENVALKVESAQQPKQVLKMEVAVLKKLQGKDHVC
RFIGCGRNEKFNYVVMQLQGRNLADLRRSQPRGTFTLSTTLRLGKQILESIEAIHSVGFLHRDIKPSNFAMGRLPSTYRK
CYMLDFGLARQYTNTTGDVRPPRNVAGFRGTVRYASVNAHKNREMGRHDDLWSLFYMLVEFAVGQLPWRKIKDKEQVGMI
KEKYEHRMLLKHMPSEFHLFLDHIASLDYFTKPDYQLIMSVFENSMKERGIAENEAFDWEKAGTDALLSTSTSTPPQQNT
RQTAAMFGVVNV
;
_entity_poly.pdbx_strand_id   A,B
#
# COMPACT_ATOMS: atom_id res chain seq x y z
N ILE A 12 31.03 -24.23 1.14
CA ILE A 12 30.12 -25.30 1.52
C ILE A 12 29.78 -26.18 0.34
N LEU A 13 28.67 -25.88 -0.33
CA LEU A 13 28.22 -26.67 -1.46
C LEU A 13 29.16 -26.46 -2.64
N PRO A 14 29.73 -27.53 -3.20
CA PRO A 14 30.59 -27.37 -4.38
C PRO A 14 29.77 -27.18 -5.65
N ALA A 15 30.45 -26.69 -6.69
CA ALA A 15 29.84 -26.62 -8.00
C ALA A 15 29.41 -28.00 -8.47
N ASN A 16 28.29 -28.04 -9.21
CA ASN A 16 27.67 -29.24 -9.76
C ASN A 16 27.09 -30.15 -8.69
N TYR A 17 27.07 -29.72 -7.44
CA TYR A 17 26.24 -30.35 -6.43
C TYR A 17 24.77 -30.10 -6.77
N VAL A 18 23.95 -31.14 -6.63
CA VAL A 18 22.54 -31.05 -7.01
C VAL A 18 21.73 -31.23 -5.73
N VAL A 19 21.11 -30.15 -5.26
CA VAL A 19 20.31 -30.22 -4.05
C VAL A 19 19.05 -31.01 -4.34
N LYS A 20 18.86 -32.12 -3.62
CA LYS A 20 17.62 -32.90 -3.65
C LYS A 20 17.23 -33.28 -5.08
N ASP A 21 18.24 -33.54 -5.92
CA ASP A 21 18.06 -33.98 -7.30
C ASP A 21 17.34 -32.96 -8.18
N ARG A 22 17.29 -31.69 -7.77
CA ARG A 22 16.63 -30.71 -8.64
C ARG A 22 17.45 -29.47 -8.95
N TRP A 23 18.19 -28.93 -7.97
CA TRP A 23 18.84 -27.64 -8.12
C TRP A 23 20.35 -27.84 -8.21
N LYS A 24 20.88 -27.68 -9.41
CA LYS A 24 22.29 -27.94 -9.71
C LYS A 24 23.08 -26.66 -9.48
N VAL A 25 23.98 -26.69 -8.49
CA VAL A 25 24.80 -25.53 -8.20
C VAL A 25 25.68 -25.21 -9.39
N LEU A 26 25.66 -23.95 -9.82
CA LEU A 26 26.54 -23.47 -10.87
C LEU A 26 27.70 -22.66 -10.31
N LYS A 27 27.40 -21.70 -9.45
CA LYS A 27 28.44 -20.85 -8.89
C LYS A 27 27.93 -20.27 -7.59
N LYS A 28 28.86 -19.79 -6.79
CA LYS A 28 28.51 -18.94 -5.66
C LYS A 28 28.40 -17.49 -6.10
N ILE A 29 27.32 -16.84 -5.69
CA ILE A 29 27.10 -15.45 -6.01
C ILE A 29 27.08 -14.56 -4.77
N GLY A 30 27.17 -15.14 -3.59
CA GLY A 30 27.22 -14.36 -2.36
C GLY A 30 27.26 -15.32 -1.19
N GLY A 31 27.69 -14.81 -0.05
CA GLY A 31 27.78 -15.62 1.14
C GLY A 31 28.60 -14.94 2.21
N GLY A 32 28.89 -15.72 3.26
CA GLY A 32 29.65 -15.23 4.39
C GLY A 32 28.82 -14.61 5.50
N GLY A 33 27.57 -14.25 5.23
CA GLY A 33 26.73 -13.67 6.27
C GLY A 33 26.11 -14.74 7.15
N PHE A 34 24.81 -14.68 7.40
CA PHE A 34 24.13 -15.85 7.93
C PHE A 34 23.93 -16.95 6.92
N GLY A 35 24.38 -16.79 5.69
CA GLY A 35 24.19 -17.89 4.76
C GLY A 35 25.06 -17.73 3.54
N GLU A 36 25.01 -18.75 2.69
CA GLU A 36 25.70 -18.80 1.42
C GLU A 36 24.63 -18.92 0.33
N ILE A 37 24.76 -18.13 -0.72
CA ILE A 37 23.79 -18.17 -1.81
C ILE A 37 24.49 -18.47 -3.12
N TYR A 38 23.85 -19.31 -3.92
CA TYR A 38 24.41 -19.85 -5.14
C TYR A 38 23.45 -19.55 -6.28
N GLU A 39 24.00 -19.30 -7.46
CA GLU A 39 23.21 -19.46 -8.66
C GLU A 39 23.11 -20.94 -8.99
N ALA A 40 21.92 -21.39 -9.32
CA ALA A 40 21.70 -22.80 -9.59
C ALA A 40 20.80 -22.96 -10.80
N MET A 41 20.85 -24.14 -11.41
CA MET A 41 19.98 -24.49 -12.51
C MET A 41 18.87 -25.39 -11.97
N ASP A 42 17.63 -24.94 -12.10
CA ASP A 42 16.48 -25.73 -11.71
C ASP A 42 16.23 -26.75 -12.82
N LEU A 43 16.55 -28.01 -12.56
CA LEU A 43 16.51 -29.00 -13.63
C LEU A 43 15.10 -29.36 -14.06
N LEU A 44 14.10 -29.06 -13.23
CA LEU A 44 12.71 -29.29 -13.62
C LEU A 44 12.22 -28.20 -14.57
N THR A 45 12.37 -26.93 -14.17
CA THR A 45 11.93 -25.82 -15.00
C THR A 45 12.96 -25.40 -16.04
N ARG A 46 14.22 -25.81 -15.88
CA ARG A 46 15.34 -25.40 -16.73
C ARG A 46 15.55 -23.89 -16.69
N GLU A 47 15.16 -23.26 -15.57
CA GLU A 47 15.40 -21.85 -15.35
C GLU A 47 16.45 -21.68 -14.25
N ASN A 48 17.31 -20.68 -14.41
CA ASN A 48 18.30 -20.37 -13.40
C ASN A 48 17.63 -19.71 -12.20
N VAL A 49 18.08 -20.08 -11.00
CA VAL A 49 17.48 -19.62 -9.76
C VAL A 49 18.58 -19.27 -8.78
N ALA A 50 18.18 -18.61 -7.70
CA ALA A 50 19.06 -18.36 -6.57
C ALA A 50 18.78 -19.40 -5.49
N LEU A 51 19.85 -19.89 -4.85
CA LEU A 51 19.76 -20.94 -3.85
C LEU A 51 20.56 -20.52 -2.63
N LYS A 52 19.85 -20.26 -1.52
CA LYS A 52 20.47 -19.84 -0.28
C LYS A 52 20.50 -21.02 0.68
N VAL A 53 21.66 -21.27 1.28
CA VAL A 53 21.84 -22.43 2.15
C VAL A 53 22.36 -21.95 3.50
N GLU A 54 21.90 -22.60 4.55
CA GLU A 54 22.41 -22.39 5.91
C GLU A 54 22.80 -23.74 6.49
N SER A 55 23.96 -23.79 7.13
CA SER A 55 24.34 -25.01 7.83
C SER A 55 23.39 -25.21 9.01
N ALA A 56 22.76 -26.39 9.05
CA ALA A 56 21.97 -26.74 10.22
C ALA A 56 22.82 -26.87 11.47
N GLN A 57 24.14 -26.77 11.34
CA GLN A 57 25.07 -26.80 12.46
C GLN A 57 25.55 -25.41 12.87
N GLN A 58 25.18 -24.36 12.14
CA GLN A 58 25.54 -23.02 12.54
C GLN A 58 24.82 -22.62 13.82
N PRO A 59 25.33 -21.64 14.55
CA PRO A 59 24.51 -21.02 15.60
C PRO A 59 23.25 -20.37 15.03
N LYS A 60 23.30 -19.91 13.79
CA LYS A 60 22.16 -19.26 13.18
C LYS A 60 21.07 -20.28 12.82
N GLN A 61 19.82 -19.88 12.99
CA GLN A 61 18.66 -20.72 12.70
C GLN A 61 17.59 -19.89 11.98
N VAL A 62 17.96 -19.19 10.91
CA VAL A 62 17.13 -18.09 10.44
C VAL A 62 16.27 -18.38 9.21
N LEU A 63 16.69 -19.32 8.35
CA LEU A 63 16.06 -19.47 7.04
C LEU A 63 14.57 -19.76 7.14
N LYS A 64 14.15 -20.37 8.23
CA LYS A 64 12.73 -20.64 8.44
C LYS A 64 11.93 -19.33 8.49
N MET A 65 12.49 -18.27 9.10
CA MET A 65 11.74 -17.03 9.15
C MET A 65 11.96 -16.20 7.89
N GLU A 66 13.06 -16.44 7.18
CA GLU A 66 13.23 -15.85 5.85
C GLU A 66 12.10 -16.26 4.94
N VAL A 67 11.73 -17.54 4.96
CA VAL A 67 10.61 -18.01 4.15
C VAL A 67 9.30 -17.38 4.62
N ALA A 68 9.10 -17.28 5.93
CA ALA A 68 7.86 -16.71 6.47
C ALA A 68 7.70 -15.27 6.01
N VAL A 69 8.76 -14.48 6.15
CA VAL A 69 8.75 -13.11 5.63
C VAL A 69 8.58 -13.13 4.12
N LEU A 70 9.31 -14.03 3.44
CA LEU A 70 9.25 -14.09 1.99
C LEU A 70 7.84 -14.42 1.47
N LYS A 71 7.13 -15.35 2.12
CA LYS A 71 5.76 -15.65 1.68
C LYS A 71 4.78 -14.58 2.15
N LYS A 72 5.07 -13.90 3.26
CA LYS A 72 4.18 -12.81 3.64
C LYS A 72 4.24 -11.65 2.67
N LEU A 73 5.37 -11.45 1.98
CA LEU A 73 5.48 -10.36 1.01
C LEU A 73 5.17 -10.79 -0.42
N GLN A 74 4.78 -12.04 -0.65
CA GLN A 74 4.60 -12.51 -2.03
C GLN A 74 3.55 -11.66 -2.73
N GLY A 75 3.89 -11.24 -3.96
CA GLY A 75 3.03 -10.42 -4.78
C GLY A 75 3.39 -8.94 -4.78
N LYS A 76 3.99 -8.46 -3.69
CA LYS A 76 4.40 -7.06 -3.63
C LYS A 76 5.60 -6.82 -4.53
N ASP A 77 5.70 -5.61 -5.08
CA ASP A 77 6.87 -5.25 -5.85
C ASP A 77 8.12 -5.33 -4.98
N HIS A 78 9.27 -5.44 -5.66
CA HIS A 78 10.59 -5.49 -5.03
C HIS A 78 10.81 -6.75 -4.18
N VAL A 79 10.07 -7.82 -4.42
CA VAL A 79 10.18 -9.05 -3.64
C VAL A 79 10.36 -10.22 -4.59
N CYS A 80 11.37 -11.05 -4.31
CA CYS A 80 11.63 -12.24 -5.11
C CYS A 80 10.52 -13.27 -4.91
N ARG A 81 10.24 -14.03 -5.97
CA ARG A 81 9.29 -15.13 -5.87
C ARG A 81 9.91 -16.30 -5.12
N PHE A 82 9.17 -16.85 -4.18
CA PHE A 82 9.59 -18.07 -3.50
C PHE A 82 9.33 -19.27 -4.42
N ILE A 83 10.35 -20.12 -4.57
CA ILE A 83 10.23 -21.30 -5.40
C ILE A 83 10.17 -22.58 -4.58
N GLY A 84 10.91 -22.67 -3.49
CA GLY A 84 10.92 -23.88 -2.68
C GLY A 84 11.85 -23.69 -1.51
N CYS A 85 11.80 -24.68 -0.62
CA CYS A 85 12.69 -24.74 0.53
C CYS A 85 12.73 -26.18 1.01
N GLY A 86 13.75 -26.48 1.81
CA GLY A 86 13.87 -27.81 2.36
C GLY A 86 14.93 -27.84 3.44
N ARG A 87 15.14 -29.02 3.99
CA ARG A 87 16.14 -29.21 5.03
C ARG A 87 16.71 -30.62 4.93
N ASN A 88 17.96 -30.76 5.37
CA ASN A 88 18.55 -32.07 5.62
C ASN A 88 19.41 -31.95 6.88
N GLU A 89 20.17 -33.00 7.19
CA GLU A 89 20.96 -32.99 8.40
C GLU A 89 22.14 -32.04 8.31
N LYS A 90 22.62 -31.76 7.11
CA LYS A 90 23.79 -30.89 6.94
C LYS A 90 23.41 -29.43 6.76
N PHE A 91 22.35 -29.13 6.02
CA PHE A 91 22.01 -27.73 5.76
C PHE A 91 20.53 -27.59 5.46
N ASN A 92 20.03 -26.38 5.68
CA ASN A 92 18.71 -25.93 5.22
C ASN A 92 18.89 -25.00 4.04
N TYR A 93 17.84 -24.92 3.20
CA TYR A 93 17.95 -24.14 1.97
C TYR A 93 16.62 -23.52 1.60
N VAL A 94 16.68 -22.45 0.81
CA VAL A 94 15.52 -21.82 0.20
C VAL A 94 15.87 -21.51 -1.26
N VAL A 95 14.92 -21.74 -2.16
CA VAL A 95 15.07 -21.46 -3.57
C VAL A 95 14.17 -20.29 -3.91
N MET A 96 14.70 -19.33 -4.68
CA MET A 96 13.98 -18.10 -4.95
C MET A 96 14.36 -17.62 -6.34
N GLN A 97 13.58 -16.66 -6.85
CA GLN A 97 13.81 -16.12 -8.16
C GLN A 97 15.20 -15.47 -8.25
N LEU A 98 15.92 -15.74 -9.34
CA LEU A 98 17.24 -15.16 -9.54
C LEU A 98 17.12 -13.73 -10.05
N GLN A 99 17.81 -12.81 -9.38
CA GLN A 99 17.87 -11.43 -9.83
C GLN A 99 19.24 -11.13 -10.44
N GLY A 100 19.36 -9.91 -10.97
CA GLY A 100 20.59 -9.46 -11.59
C GLY A 100 21.61 -9.00 -10.57
N ARG A 101 22.44 -8.05 -10.98
CA ARG A 101 23.54 -7.58 -10.16
C ARG A 101 23.04 -6.68 -9.03
N ASN A 102 23.73 -6.73 -7.90
CA ASN A 102 23.33 -5.96 -6.73
C ASN A 102 23.90 -4.56 -6.78
N LEU A 103 23.33 -3.68 -5.96
CA LEU A 103 23.63 -2.26 -6.06
C LEU A 103 25.05 -1.94 -5.61
N ALA A 104 25.62 -2.73 -4.71
CA ALA A 104 27.02 -2.53 -4.35
C ALA A 104 27.94 -2.85 -5.52
N ASP A 105 27.65 -3.94 -6.24
CA ASP A 105 28.42 -4.27 -7.44
C ASP A 105 28.30 -3.15 -8.48
N LEU A 106 27.07 -2.69 -8.72
CA LEU A 106 26.89 -1.64 -9.72
C LEU A 106 27.61 -0.36 -9.30
N ARG A 107 27.67 -0.05 -8.00
CA ARG A 107 28.34 1.18 -7.59
C ARG A 107 29.86 1.04 -7.71
N ARG A 108 30.43 -0.09 -7.30
CA ARG A 108 31.81 -0.38 -7.66
C ARG A 108 32.11 -0.17 -9.13
N SER A 109 31.28 -0.69 -10.01
CA SER A 109 31.67 -0.67 -11.40
C SER A 109 31.49 0.70 -12.06
N GLN A 110 30.94 1.68 -11.36
CA GLN A 110 30.90 3.03 -11.90
C GLN A 110 32.30 3.66 -11.83
N PRO A 111 32.68 4.44 -12.84
CA PRO A 111 34.08 4.88 -12.94
C PRO A 111 34.62 5.63 -11.73
N ARG A 112 33.80 6.44 -11.06
CA ARG A 112 34.24 7.22 -9.91
C ARG A 112 33.62 6.72 -8.61
N GLY A 113 33.03 5.53 -8.62
CA GLY A 113 32.40 5.00 -7.43
C GLY A 113 31.12 5.69 -7.04
N THR A 114 30.51 6.43 -7.96
CA THR A 114 29.30 7.19 -7.67
C THR A 114 28.25 6.94 -8.73
N PHE A 115 26.99 7.03 -8.31
CA PHE A 115 25.85 7.10 -9.21
C PHE A 115 25.51 8.56 -9.45
N THR A 116 24.94 8.84 -10.63
CA THR A 116 24.33 10.14 -10.83
C THR A 116 23.17 10.34 -9.86
N LEU A 117 22.79 11.59 -9.65
CA LEU A 117 21.67 11.87 -8.75
C LEU A 117 20.37 11.30 -9.32
N SER A 118 20.24 11.24 -10.64
CA SER A 118 19.06 10.65 -11.26
C SER A 118 18.90 9.20 -10.85
N THR A 119 20.00 8.42 -10.91
CA THR A 119 19.96 7.04 -10.43
C THR A 119 19.76 6.97 -8.93
N THR A 120 20.51 7.77 -8.17
CA THR A 120 20.45 7.68 -6.71
C THR A 120 19.04 7.95 -6.20
N LEU A 121 18.39 8.99 -6.71
CA LEU A 121 17.07 9.36 -6.20
C LEU A 121 16.01 8.35 -6.62
N ARG A 122 16.11 7.82 -7.83
CA ARG A 122 15.11 6.83 -8.28
C ARG A 122 15.32 5.48 -7.60
N LEU A 123 16.58 5.12 -7.30
CA LEU A 123 16.82 3.97 -6.44
C LEU A 123 16.25 4.19 -5.05
N GLY A 124 16.46 5.39 -4.50
CA GLY A 124 15.93 5.68 -3.17
C GLY A 124 14.43 5.54 -3.09
N LYS A 125 13.72 5.97 -4.14
CA LYS A 125 12.28 5.78 -4.17
C LYS A 125 11.90 4.31 -4.12
N GLN A 126 12.58 3.48 -4.89
CA GLN A 126 12.25 2.06 -4.94
C GLN A 126 12.59 1.37 -3.62
N ILE A 127 13.73 1.70 -3.04
CA ILE A 127 14.13 1.09 -1.77
C ILE A 127 13.19 1.52 -0.66
N LEU A 128 12.78 2.79 -0.67
CA LEU A 128 11.79 3.25 0.31
C LEU A 128 10.49 2.47 0.17
N GLU A 129 10.07 2.19 -1.06
CA GLU A 129 8.85 1.42 -1.28
C GLU A 129 8.97 0.03 -0.68
N SER A 130 10.11 -0.63 -0.89
CA SER A 130 10.29 -1.97 -0.35
C SER A 130 10.42 -1.96 1.16
N ILE A 131 10.97 -0.89 1.73
CA ILE A 131 11.03 -0.76 3.19
C ILE A 131 9.63 -0.58 3.76
N GLU A 132 8.83 0.29 3.14
CA GLU A 132 7.42 0.40 3.49
C GLU A 132 6.73 -0.95 3.43
N ALA A 133 7.03 -1.73 2.38
CA ALA A 133 6.33 -3.00 2.17
C ALA A 133 6.58 -3.98 3.30
N ILE A 134 7.85 -4.15 3.70
CA ILE A 134 8.16 -5.11 4.75
C ILE A 134 7.69 -4.59 6.10
N HIS A 135 7.77 -3.28 6.32
CA HIS A 135 7.19 -2.70 7.54
C HIS A 135 5.69 -2.92 7.58
N SER A 136 5.03 -2.87 6.42
CA SER A 136 3.58 -3.04 6.36
C SER A 136 3.14 -4.43 6.74
N VAL A 137 4.01 -5.45 6.60
CA VAL A 137 3.68 -6.79 7.02
C VAL A 137 4.17 -7.07 8.44
N GLY A 138 4.59 -6.03 9.18
CA GLY A 138 4.96 -6.19 10.56
C GLY A 138 6.38 -6.62 10.82
N PHE A 139 7.29 -6.47 9.86
CA PHE A 139 8.67 -6.90 10.02
C PHE A 139 9.62 -5.75 9.76
N LEU A 140 10.71 -5.72 10.52
CA LEU A 140 11.84 -4.85 10.24
C LEU A 140 12.86 -5.64 9.42
N HIS A 141 13.54 -4.94 8.52
CA HIS A 141 14.60 -5.60 7.75
C HIS A 141 15.87 -5.74 8.60
N ARG A 142 16.40 -4.61 9.08
CA ARG A 142 17.53 -4.49 10.00
C ARG A 142 18.88 -4.70 9.32
N ASP A 143 18.93 -5.01 8.03
CA ASP A 143 20.20 -5.14 7.32
C ASP A 143 20.11 -4.45 5.95
N ILE A 144 19.52 -3.26 5.92
CA ILE A 144 19.46 -2.49 4.68
C ILE A 144 20.87 -2.05 4.30
N LYS A 145 21.31 -2.48 3.11
CA LYS A 145 22.62 -2.11 2.57
C LYS A 145 22.61 -2.36 1.07
N PRO A 146 23.53 -1.75 0.32
CA PRO A 146 23.47 -1.88 -1.15
C PRO A 146 23.55 -3.30 -1.66
N SER A 147 24.35 -4.17 -1.03
CA SER A 147 24.48 -5.55 -1.51
C SER A 147 23.21 -6.35 -1.32
N ASN A 148 22.25 -5.86 -0.53
CA ASN A 148 20.98 -6.55 -0.31
C ASN A 148 19.87 -6.05 -1.23
N PHE A 149 20.22 -5.33 -2.29
CA PHE A 149 19.27 -4.94 -3.33
C PHE A 149 19.86 -5.25 -4.69
N ALA A 150 19.03 -5.80 -5.57
CA ALA A 150 19.47 -6.16 -6.92
C ALA A 150 18.38 -5.81 -7.92
N MET A 151 18.81 -5.41 -9.11
CA MET A 151 17.87 -5.14 -10.19
C MET A 151 17.33 -6.44 -10.78
N GLY A 152 16.11 -6.37 -11.32
CA GLY A 152 15.53 -7.52 -11.97
C GLY A 152 16.33 -7.98 -13.17
N ARG A 153 16.02 -9.19 -13.63
CA ARG A 153 16.82 -9.86 -14.64
C ARG A 153 15.98 -10.25 -15.86
N LEU A 154 14.71 -9.84 -15.89
CA LEU A 154 13.73 -10.21 -16.89
C LEU A 154 13.20 -8.96 -17.59
N PRO A 155 12.63 -9.10 -18.79
CA PRO A 155 12.15 -7.91 -19.51
C PRO A 155 11.15 -7.07 -18.73
N SER A 156 10.34 -7.68 -17.88
CA SER A 156 9.35 -6.96 -17.08
C SER A 156 9.89 -6.45 -15.75
N THR A 157 11.12 -6.84 -15.38
CA THR A 157 11.63 -6.55 -14.04
C THR A 157 12.96 -5.81 -14.01
N TYR A 158 13.62 -5.59 -15.15
CA TYR A 158 15.01 -5.13 -15.12
C TYR A 158 15.17 -3.68 -14.70
N ARG A 159 14.09 -2.91 -14.64
CA ARG A 159 14.14 -1.57 -14.08
C ARG A 159 13.54 -1.54 -12.67
N LYS A 160 13.39 -2.70 -12.05
CA LYS A 160 12.86 -2.83 -10.70
C LYS A 160 13.97 -3.31 -9.77
N CYS A 161 14.02 -2.71 -8.58
CA CYS A 161 14.98 -3.05 -7.54
C CYS A 161 14.35 -4.09 -6.61
N TYR A 162 15.12 -5.12 -6.24
CA TYR A 162 14.56 -6.22 -5.46
C TYR A 162 15.25 -6.35 -4.11
N MET A 163 14.44 -6.39 -3.06
CA MET A 163 14.92 -6.52 -1.69
C MET A 163 15.39 -7.94 -1.43
N LEU A 164 16.55 -8.08 -0.78
CA LEU A 164 17.16 -9.39 -0.55
C LEU A 164 17.46 -9.59 0.93
N ASP A 165 17.65 -10.86 1.29
CA ASP A 165 18.23 -11.28 2.56
C ASP A 165 17.46 -10.87 3.81
N PHE A 166 16.32 -11.53 4.06
CA PHE A 166 15.54 -11.36 5.28
C PHE A 166 16.12 -12.13 6.48
N GLY A 167 17.39 -12.53 6.45
CA GLY A 167 17.94 -13.34 7.53
C GLY A 167 18.04 -12.60 8.86
N LEU A 168 18.15 -11.27 8.82
CA LEU A 168 18.20 -10.42 10.00
C LEU A 168 16.86 -9.82 10.37
N ALA A 169 15.78 -10.18 9.68
CA ALA A 169 14.48 -9.56 9.90
C ALA A 169 13.89 -9.96 11.25
N ARG A 170 13.11 -9.05 11.83
CA ARG A 170 12.44 -9.29 13.10
C ARG A 170 11.04 -8.71 13.04
N GLN A 171 10.07 -9.48 13.53
CA GLN A 171 8.69 -9.00 13.62
C GLN A 171 8.57 -8.00 14.76
N TYR A 172 8.05 -6.81 14.46
CA TYR A 172 7.86 -5.79 15.48
C TYR A 172 6.41 -5.63 15.90
N THR A 173 5.47 -6.15 15.13
CA THR A 173 4.07 -6.15 15.53
C THR A 173 3.75 -7.48 16.21
N ASN A 174 2.49 -7.64 16.60
CA ASN A 174 2.01 -8.93 17.07
C ASN A 174 0.80 -9.35 16.25
N THR A 175 0.08 -10.39 16.70
CA THR A 175 -1.00 -10.95 15.89
C THR A 175 -2.11 -9.93 15.62
N THR A 176 -2.24 -8.91 16.46
CA THR A 176 -3.35 -7.96 16.34
C THR A 176 -3.00 -6.72 15.53
N GLY A 177 -1.73 -6.55 15.15
CA GLY A 177 -1.27 -5.31 14.57
C GLY A 177 -0.77 -4.28 15.56
N ASP A 178 -0.87 -4.55 16.86
CA ASP A 178 -0.21 -3.72 17.85
C ASP A 178 1.31 -3.91 17.76
N VAL A 179 2.04 -2.93 18.27
CA VAL A 179 3.50 -3.00 18.29
C VAL A 179 3.96 -3.58 19.62
N ARG A 180 4.78 -4.62 19.55
CA ARG A 180 5.35 -5.22 20.74
C ARG A 180 6.32 -4.25 21.42
N PRO A 181 6.46 -4.31 22.73
CA PRO A 181 7.46 -3.50 23.41
C PRO A 181 8.85 -3.88 22.95
N PRO A 182 9.74 -2.91 22.77
CA PRO A 182 11.12 -3.24 22.43
C PRO A 182 11.84 -3.85 23.62
N ARG A 183 12.85 -4.66 23.33
CA ARG A 183 13.71 -5.11 24.41
C ARG A 183 14.57 -3.95 24.89
N ASN A 184 15.04 -4.06 26.13
CA ASN A 184 15.96 -3.05 26.65
C ASN A 184 17.23 -3.02 25.82
N VAL A 185 17.76 -4.18 25.48
CA VAL A 185 18.90 -4.29 24.58
C VAL A 185 18.70 -5.47 23.64
N ALA A 186 19.30 -5.35 22.47
CA ALA A 186 19.25 -6.37 21.42
C ALA A 186 20.62 -6.43 20.77
N GLY A 187 21.17 -7.63 20.63
CA GLY A 187 22.42 -7.77 19.92
C GLY A 187 22.26 -7.38 18.46
N PHE A 188 23.28 -6.74 17.91
CA PHE A 188 23.34 -6.46 16.48
C PHE A 188 24.33 -7.40 15.83
N ARG A 189 23.88 -8.09 14.77
CA ARG A 189 24.72 -8.98 14.00
C ARG A 189 24.77 -8.59 12.53
N GLY A 190 24.42 -7.36 12.21
CA GLY A 190 24.36 -6.89 10.83
C GLY A 190 25.64 -6.24 10.38
N THR A 191 25.52 -5.46 9.30
CA THR A 191 26.67 -4.82 8.67
C THR A 191 26.90 -3.45 9.31
N VAL A 192 28.17 -3.15 9.62
CA VAL A 192 28.47 -1.97 10.42
C VAL A 192 28.24 -0.69 9.63
N ARG A 193 28.55 -0.70 8.33
CA ARG A 193 28.69 0.56 7.60
C ARG A 193 27.41 1.37 7.59
N TYR A 194 26.26 0.72 7.44
CA TYR A 194 25.00 1.42 7.26
C TYR A 194 24.07 1.29 8.48
N ALA A 195 24.58 0.79 9.61
CA ALA A 195 23.77 0.70 10.80
C ALA A 195 23.56 2.08 11.41
N SER A 196 22.36 2.30 11.94
CA SER A 196 22.11 3.53 12.69
C SER A 196 22.91 3.52 13.99
N VAL A 197 22.99 4.69 14.62
CA VAL A 197 23.67 4.75 15.92
C VAL A 197 22.89 3.95 16.95
N ASN A 198 21.57 3.91 16.85
CA ASN A 198 20.75 3.07 17.72
C ASN A 198 21.21 1.62 17.65
N ALA A 199 21.43 1.12 16.43
CA ALA A 199 21.91 -0.24 16.25
C ALA A 199 23.27 -0.43 16.91
N HIS A 200 24.18 0.53 16.71
CA HIS A 200 25.50 0.46 17.33
C HIS A 200 25.41 0.37 18.85
N LYS A 201 24.37 0.96 19.43
CA LYS A 201 24.21 1.00 20.88
C LYS A 201 23.37 -0.16 21.41
N ASN A 202 23.14 -1.18 20.58
CA ASN A 202 22.40 -2.38 20.94
C ASN A 202 20.98 -2.08 21.40
N ARG A 203 20.46 -0.92 21.03
CA ARG A 203 19.07 -0.61 21.26
C ARG A 203 18.22 -1.44 20.31
N GLU A 204 17.00 -1.77 20.75
CA GLU A 204 16.09 -2.46 19.85
C GLU A 204 15.85 -1.59 18.63
N MET A 205 16.03 -2.18 17.46
CA MET A 205 15.89 -1.42 16.24
C MET A 205 14.42 -1.22 15.92
N GLY A 206 14.11 -0.10 15.26
CA GLY A 206 12.77 0.22 14.86
C GLY A 206 12.70 0.51 13.37
N ARG A 207 11.51 0.91 12.93
CA ARG A 207 11.32 1.26 11.53
C ARG A 207 12.25 2.38 11.10
N HIS A 208 12.55 3.32 12.00
CA HIS A 208 13.41 4.44 11.67
C HIS A 208 14.85 4.03 11.41
N ASP A 209 15.29 2.90 11.94
CA ASP A 209 16.66 2.45 11.73
C ASP A 209 16.86 1.89 10.34
N ASP A 210 15.84 1.24 9.79
CA ASP A 210 15.88 0.88 8.37
C ASP A 210 16.01 2.10 7.49
N LEU A 211 15.40 3.22 7.90
CA LEU A 211 15.47 4.46 7.14
C LEU A 211 16.80 5.16 7.33
N TRP A 212 17.44 4.99 8.50
CA TRP A 212 18.79 5.49 8.68
C TRP A 212 19.74 4.82 7.69
N SER A 213 19.58 3.50 7.51
CA SER A 213 20.42 2.78 6.55
C SER A 213 20.18 3.27 5.14
N LEU A 214 18.93 3.55 4.78
CA LEU A 214 18.64 4.12 3.47
C LEU A 214 19.32 5.46 3.28
N PHE A 215 19.27 6.31 4.31
CA PHE A 215 19.92 7.61 4.25
C PHE A 215 21.42 7.47 4.02
N TYR A 216 22.08 6.57 4.77
CA TYR A 216 23.50 6.33 4.58
C TYR A 216 23.78 5.78 3.19
N MET A 217 22.96 4.85 2.72
CA MET A 217 23.12 4.30 1.38
C MET A 217 23.13 5.39 0.31
N LEU A 218 22.13 6.29 0.37
CA LEU A 218 21.99 7.30 -0.68
C LEU A 218 23.11 8.32 -0.65
N VAL A 219 23.62 8.63 0.54
CA VAL A 219 24.80 9.49 0.64
C VAL A 219 25.99 8.82 -0.02
N GLU A 220 26.17 7.52 0.26
CA GLU A 220 27.29 6.79 -0.33
C GLU A 220 27.14 6.72 -1.85
N PHE A 221 25.92 6.49 -2.35
CA PHE A 221 25.70 6.44 -3.78
C PHE A 221 26.14 7.74 -4.45
N ALA A 222 25.64 8.87 -3.94
CA ALA A 222 25.86 10.15 -4.61
C ALA A 222 27.28 10.66 -4.41
N VAL A 223 27.87 10.42 -3.24
CA VAL A 223 29.18 10.99 -2.92
C VAL A 223 30.31 9.99 -3.17
N GLY A 224 30.02 8.69 -3.11
CA GLY A 224 31.00 7.66 -3.38
C GLY A 224 31.64 7.05 -2.16
N GLN A 225 31.35 7.59 -0.97
CA GLN A 225 32.04 7.17 0.23
C GLN A 225 31.27 7.68 1.44
N LEU A 226 31.47 7.00 2.56
CA LEU A 226 31.06 7.49 3.85
C LEU A 226 32.31 7.74 4.68
N PRO A 227 32.27 8.68 5.62
CA PRO A 227 33.50 8.97 6.38
C PRO A 227 34.11 7.74 7.02
N TRP A 228 33.30 6.81 7.53
CA TRP A 228 33.80 5.63 8.21
C TRP A 228 34.02 4.45 7.27
N ARG A 229 34.22 4.71 5.97
CA ARG A 229 34.24 3.65 4.96
C ARG A 229 35.27 2.56 5.28
N LYS A 230 36.52 2.95 5.61
CA LYS A 230 37.60 2.00 5.87
C LYS A 230 37.54 1.36 7.25
N ILE A 231 36.77 1.91 8.17
CA ILE A 231 36.91 1.56 9.57
C ILE A 231 36.19 0.24 9.83
N LYS A 232 36.93 -0.74 10.34
CA LYS A 232 36.43 -2.09 10.54
C LYS A 232 35.82 -2.30 11.91
N ASP A 233 36.45 -1.77 12.95
CA ASP A 233 35.99 -1.98 14.31
C ASP A 233 34.61 -1.33 14.51
N LYS A 234 33.58 -2.17 14.62
CA LYS A 234 32.17 -1.76 14.74
C LYS A 234 31.93 -0.63 15.73
N GLU A 235 32.39 -0.86 16.95
CA GLU A 235 32.34 -0.06 18.17
C GLU A 235 33.20 1.18 18.10
N GLN A 236 34.16 1.19 17.18
CA GLN A 236 34.77 2.45 16.79
C GLN A 236 33.85 3.19 15.84
N VAL A 237 33.30 2.48 14.86
CA VAL A 237 32.46 3.10 13.83
C VAL A 237 31.30 3.85 14.48
N GLY A 238 30.65 3.23 15.46
CA GLY A 238 29.54 3.88 16.13
C GLY A 238 29.96 5.18 16.80
N MET A 239 31.21 5.23 17.28
CA MET A 239 31.69 6.45 17.93
C MET A 239 31.80 7.61 16.93
N ILE A 240 32.25 7.34 15.70
CA ILE A 240 32.30 8.41 14.69
C ILE A 240 30.90 8.92 14.41
N LYS A 241 29.97 8.01 14.12
CA LYS A 241 28.61 8.41 13.78
C LYS A 241 27.96 9.19 14.92
N GLU A 242 28.21 8.76 16.16
CA GLU A 242 27.68 9.46 17.33
C GLU A 242 28.24 10.87 17.44
N LYS A 243 29.46 11.10 16.95
CA LYS A 243 30.11 12.40 17.05
C LYS A 243 30.09 13.19 15.75
N TYR A 244 29.86 12.53 14.63
CA TYR A 244 29.87 13.22 13.34
C TYR A 244 28.65 14.11 13.21
N GLU A 245 28.85 15.30 12.65
CA GLU A 245 27.74 16.22 12.41
C GLU A 245 27.15 15.86 11.04
N HIS A 246 25.98 15.22 11.07
CA HIS A 246 25.41 14.61 9.87
C HIS A 246 24.97 15.62 8.82
N ARG A 247 24.75 16.89 9.19
CA ARG A 247 24.41 17.90 8.20
C ARG A 247 25.50 18.01 7.13
N MET A 248 26.77 17.82 7.53
CA MET A 248 27.87 17.93 6.59
C MET A 248 27.91 16.79 5.58
N LEU A 249 27.26 15.67 5.87
CA LEU A 249 27.10 14.63 4.85
C LEU A 249 26.30 15.16 3.67
N LEU A 250 25.43 16.14 3.91
CA LEU A 250 24.50 16.68 2.93
C LEU A 250 25.08 17.86 2.16
N LYS A 251 26.41 18.03 2.21
CA LYS A 251 27.06 19.15 1.53
C LYS A 251 26.72 19.18 0.04
N HIS A 252 26.68 18.00 -0.60
CA HIS A 252 26.47 17.92 -2.04
C HIS A 252 25.24 17.10 -2.38
N MET A 253 24.34 16.91 -1.42
CA MET A 253 23.04 16.32 -1.61
C MET A 253 22.02 17.41 -1.93
N PRO A 254 20.86 17.05 -2.47
CA PRO A 254 19.80 18.06 -2.61
C PRO A 254 19.38 18.60 -1.25
N SER A 255 18.97 19.87 -1.24
CA SER A 255 18.67 20.54 0.02
C SER A 255 17.56 19.84 0.80
N GLU A 256 16.64 19.17 0.09
CA GLU A 256 15.52 18.50 0.73
C GLU A 256 15.94 17.33 1.62
N PHE A 257 17.18 16.87 1.50
CA PHE A 257 17.64 15.79 2.37
C PHE A 257 17.76 16.22 3.82
N HIS A 258 17.81 17.53 4.08
CA HIS A 258 17.79 18.02 5.45
C HIS A 258 16.47 17.66 6.14
N LEU A 259 15.36 17.72 5.39
CA LEU A 259 14.09 17.27 5.95
C LEU A 259 14.13 15.77 6.28
N PHE A 260 14.72 14.98 5.39
CA PHE A 260 14.80 13.53 5.59
C PHE A 260 15.68 13.22 6.80
N LEU A 261 16.84 13.89 6.91
CA LEU A 261 17.69 13.72 8.08
C LEU A 261 16.98 14.17 9.35
N ASP A 262 16.38 15.36 9.32
CA ASP A 262 15.74 15.89 10.53
C ASP A 262 14.61 14.99 11.00
N HIS A 263 13.84 14.43 10.05
CA HIS A 263 12.71 13.60 10.43
C HIS A 263 13.15 12.33 11.15
N ILE A 264 14.07 11.57 10.53
CA ILE A 264 14.44 10.29 11.11
C ILE A 264 15.24 10.48 12.39
N ALA A 265 15.99 11.59 12.50
CA ALA A 265 16.68 11.88 13.75
C ALA A 265 15.70 12.16 14.88
N SER A 266 14.45 12.54 14.57
CA SER A 266 13.45 12.83 15.58
C SER A 266 12.69 11.59 16.05
N LEU A 267 12.81 10.47 15.33
CA LEU A 267 12.01 9.28 15.60
C LEU A 267 12.65 8.42 16.69
N ASP A 268 11.82 7.62 17.35
CA ASP A 268 12.25 6.53 18.22
C ASP A 268 11.62 5.23 17.70
N TYR A 269 11.80 4.16 18.49
CA TYR A 269 11.23 2.86 18.14
C TYR A 269 9.70 2.93 18.04
N PHE A 270 9.07 3.78 18.84
CA PHE A 270 7.63 3.73 19.02
C PHE A 270 6.85 4.51 17.97
N THR A 271 7.49 5.45 17.28
CA THR A 271 6.79 6.39 16.40
C THR A 271 6.85 5.92 14.95
N LYS A 272 5.69 5.77 14.33
CA LYS A 272 5.61 5.39 12.92
C LYS A 272 6.28 6.46 12.06
N PRO A 273 7.16 6.08 11.14
CA PRO A 273 7.80 7.09 10.28
C PRO A 273 6.81 7.73 9.34
N ASP A 274 7.09 8.99 9.00
CA ASP A 274 6.37 9.72 7.95
C ASP A 274 6.99 9.35 6.62
N TYR A 275 6.54 8.21 6.08
CA TYR A 275 7.11 7.71 4.83
C TYR A 275 6.87 8.66 3.67
N GLN A 276 5.73 9.35 3.66
CA GLN A 276 5.44 10.26 2.55
C GLN A 276 6.36 11.46 2.56
N LEU A 277 6.75 11.94 3.75
CA LEU A 277 7.76 13.00 3.83
C LEU A 277 9.03 12.60 3.10
N ILE A 278 9.54 11.41 3.39
CA ILE A 278 10.77 10.95 2.75
C ILE A 278 10.54 10.73 1.25
N MET A 279 9.37 10.20 0.88
CA MET A 279 9.05 10.04 -0.53
C MET A 279 9.02 11.39 -1.24
N SER A 280 8.48 12.41 -0.57
CA SER A 280 8.44 13.75 -1.15
C SER A 280 9.83 14.34 -1.32
N VAL A 281 10.75 14.04 -0.39
CA VAL A 281 12.12 14.52 -0.52
C VAL A 281 12.73 14.02 -1.82
N PHE A 282 12.54 12.73 -2.12
CA PHE A 282 13.05 12.18 -3.37
C PHE A 282 12.35 12.81 -4.57
N GLU A 283 11.01 12.88 -4.53
CA GLU A 283 10.26 13.33 -5.69
C GLU A 283 10.49 14.82 -5.96
N ASN A 284 10.52 15.64 -4.91
CA ASN A 284 10.82 17.06 -5.11
C ASN A 284 12.25 17.27 -5.58
N SER A 285 13.19 16.46 -5.08
CA SER A 285 14.56 16.56 -5.57
C SER A 285 14.62 16.28 -7.05
N MET A 286 13.92 15.25 -7.52
CA MET A 286 13.94 14.91 -8.94
C MET A 286 13.30 15.99 -9.78
N LYS A 287 12.08 16.42 -9.41
CA LYS A 287 11.40 17.46 -10.16
C LYS A 287 12.25 18.71 -10.27
N GLU A 288 13.00 19.02 -9.22
CA GLU A 288 13.87 20.19 -9.21
C GLU A 288 14.97 20.08 -10.26
N ARG A 289 15.49 18.88 -10.51
CA ARG A 289 16.53 18.76 -11.52
C ARG A 289 15.98 18.27 -12.85
N GLY A 290 14.66 18.22 -13.00
CA GLY A 290 14.07 17.71 -14.23
C GLY A 290 14.43 16.27 -14.50
N ILE A 291 14.47 15.44 -13.47
CA ILE A 291 14.81 14.03 -13.61
C ILE A 291 13.53 13.27 -13.90
N ALA A 292 13.49 12.63 -15.07
CA ALA A 292 12.31 11.88 -15.49
C ALA A 292 12.36 10.48 -14.92
N GLU A 293 11.18 9.96 -14.56
CA GLU A 293 11.11 8.62 -13.98
C GLU A 293 11.64 7.58 -14.95
N ASN A 294 11.37 7.75 -16.24
CA ASN A 294 11.77 6.68 -17.16
C ASN A 294 13.15 6.92 -17.75
N GLU A 295 13.98 7.70 -17.05
CA GLU A 295 15.32 7.94 -17.56
C GLU A 295 16.17 6.67 -17.41
N ALA A 296 17.17 6.56 -18.27
CA ALA A 296 18.08 5.41 -18.21
C ALA A 296 18.86 5.44 -16.92
N PHE A 297 19.00 4.28 -16.29
CA PHE A 297 19.86 4.13 -15.14
C PHE A 297 21.32 4.19 -15.57
N ASP A 298 22.20 4.51 -14.62
CA ASP A 298 23.62 4.72 -14.93
C ASP A 298 24.24 3.52 -15.63
N TRP A 299 23.90 2.31 -15.18
CA TRP A 299 24.52 1.11 -15.74
C TRP A 299 23.92 0.71 -17.08
N GLU A 300 22.82 1.34 -17.50
CA GLU A 300 22.22 1.08 -18.81
C GLU A 300 22.87 1.92 -19.90
N LYS A 301 24.13 2.26 -19.70
CA LYS A 301 24.76 3.39 -20.38
C LYS A 301 26.14 2.99 -20.89
N GLN B 9 -19.26 -0.30 -26.51
CA GLN B 9 -18.96 -0.88 -25.21
C GLN B 9 -18.03 -2.07 -25.35
N ALA B 10 -17.17 -2.04 -26.36
CA ALA B 10 -16.14 -3.06 -26.49
C ALA B 10 -15.08 -2.84 -25.42
N ASP B 11 -14.65 -3.94 -24.78
CA ASP B 11 -13.67 -3.84 -23.71
C ASP B 11 -12.35 -3.29 -24.23
N ILE B 12 -11.67 -2.51 -23.37
CA ILE B 12 -10.36 -1.99 -23.71
C ILE B 12 -9.38 -3.13 -23.98
N LEU B 13 -9.35 -4.11 -23.08
CA LEU B 13 -8.39 -5.19 -23.14
C LEU B 13 -9.09 -6.49 -23.49
N PRO B 14 -8.61 -7.25 -24.47
CA PRO B 14 -9.15 -8.57 -24.72
C PRO B 14 -8.73 -9.57 -23.66
N ALA B 15 -9.50 -10.64 -23.55
CA ALA B 15 -9.12 -11.76 -22.71
C ALA B 15 -7.74 -12.27 -23.12
N ASN B 16 -7.01 -12.78 -22.12
CA ASN B 16 -5.65 -13.30 -22.26
C ASN B 16 -4.62 -12.22 -22.56
N TYR B 17 -5.00 -10.94 -22.60
CA TYR B 17 -4.01 -9.88 -22.57
C TYR B 17 -3.26 -9.93 -21.24
N VAL B 18 -1.94 -9.78 -21.30
CA VAL B 18 -1.11 -9.87 -20.12
C VAL B 18 -0.49 -8.49 -19.86
N VAL B 19 -0.70 -7.98 -18.66
CA VAL B 19 -0.11 -6.72 -18.23
C VAL B 19 1.22 -7.03 -17.54
N LYS B 20 2.30 -6.41 -18.03
CA LYS B 20 3.62 -6.48 -17.39
C LYS B 20 4.07 -7.91 -17.20
N ASP B 21 3.71 -8.78 -18.15
CA ASP B 21 3.97 -10.22 -18.07
C ASP B 21 3.52 -10.83 -16.75
N ARG B 22 2.57 -10.21 -16.04
CA ARG B 22 2.13 -10.77 -14.77
C ARG B 22 0.63 -11.01 -14.65
N TRP B 23 -0.19 -10.05 -15.09
CA TRP B 23 -1.63 -10.12 -14.87
C TRP B 23 -2.35 -10.37 -16.18
N LYS B 24 -3.01 -11.52 -16.27
CA LYS B 24 -3.64 -11.98 -17.50
C LYS B 24 -5.15 -11.75 -17.43
N VAL B 25 -5.66 -10.96 -18.37
CA VAL B 25 -7.06 -10.54 -18.32
C VAL B 25 -7.97 -11.74 -18.53
N LEU B 26 -8.99 -11.86 -17.69
CA LEU B 26 -9.98 -12.92 -17.83
C LEU B 26 -11.31 -12.42 -18.37
N LYS B 27 -11.93 -11.44 -17.69
CA LYS B 27 -13.22 -10.93 -18.12
C LYS B 27 -13.43 -9.56 -17.47
N LYS B 28 -14.29 -8.76 -18.08
CA LYS B 28 -14.67 -7.48 -17.50
C LYS B 28 -15.74 -7.71 -16.43
N ILE B 29 -15.64 -6.96 -15.33
CA ILE B 29 -16.58 -7.10 -14.22
C ILE B 29 -17.24 -5.79 -13.82
N GLY B 30 -16.89 -4.67 -14.46
CA GLY B 30 -17.52 -3.41 -14.14
C GLY B 30 -16.85 -2.29 -14.92
N GLY B 31 -17.41 -1.09 -14.78
CA GLY B 31 -16.80 0.07 -15.40
C GLY B 31 -17.81 1.19 -15.59
N GLY B 32 -17.51 2.04 -16.57
CA GLY B 32 -18.25 3.27 -16.80
C GLY B 32 -17.64 4.52 -16.20
N GLY B 33 -17.47 4.55 -14.88
CA GLY B 33 -17.10 5.76 -14.17
C GLY B 33 -15.94 6.54 -14.75
N PHE B 34 -14.73 5.98 -14.68
CA PHE B 34 -13.60 6.51 -15.41
C PHE B 34 -12.75 5.44 -16.08
N GLY B 35 -12.89 4.18 -15.70
CA GLY B 35 -12.15 3.10 -16.31
C GLY B 35 -12.97 1.83 -16.30
N GLU B 36 -12.39 0.77 -16.82
CA GLU B 36 -13.01 -0.55 -16.85
C GLU B 36 -12.32 -1.45 -15.85
N ILE B 37 -13.10 -2.32 -15.21
CA ILE B 37 -12.60 -3.22 -14.18
C ILE B 37 -12.59 -4.64 -14.72
N TYR B 38 -11.44 -5.30 -14.64
CA TYR B 38 -11.30 -6.66 -15.11
C TYR B 38 -10.97 -7.59 -13.95
N GLU B 39 -11.51 -8.80 -13.99
CA GLU B 39 -10.95 -9.88 -13.21
C GLU B 39 -9.76 -10.44 -13.99
N ALA B 40 -8.64 -10.64 -13.30
CA ALA B 40 -7.43 -11.09 -13.94
C ALA B 40 -6.76 -12.14 -13.08
N MET B 41 -5.91 -12.95 -13.72
CA MET B 41 -5.12 -13.97 -13.06
C MET B 41 -3.71 -13.44 -12.84
N ASP B 42 -3.28 -13.37 -11.58
CA ASP B 42 -1.92 -12.98 -11.25
C ASP B 42 -1.02 -14.19 -11.45
N LEU B 43 -0.23 -14.17 -12.53
CA LEU B 43 0.59 -15.33 -12.87
C LEU B 43 1.69 -15.59 -11.85
N LEU B 44 2.12 -14.56 -11.11
CA LEU B 44 3.12 -14.77 -10.06
C LEU B 44 2.53 -15.44 -8.83
N THR B 45 1.34 -15.02 -8.40
CA THR B 45 0.76 -15.48 -7.14
C THR B 45 -0.33 -16.53 -7.33
N ARG B 46 -0.89 -16.66 -8.55
CA ARG B 46 -1.96 -17.59 -8.87
C ARG B 46 -3.27 -17.23 -8.20
N GLU B 47 -3.40 -16.00 -7.74
CA GLU B 47 -4.63 -15.49 -7.16
C GLU B 47 -5.38 -14.66 -8.19
N ASN B 48 -6.70 -14.72 -8.16
CA ASN B 48 -7.51 -13.85 -9.00
C ASN B 48 -7.59 -12.47 -8.36
N VAL B 49 -7.47 -11.43 -9.19
CA VAL B 49 -7.38 -10.05 -8.73
C VAL B 49 -8.27 -9.16 -9.59
N ALA B 50 -8.41 -7.92 -9.16
CA ALA B 50 -9.13 -6.90 -9.90
C ALA B 50 -8.12 -5.97 -10.56
N LEU B 51 -8.29 -5.76 -11.87
CA LEU B 51 -7.41 -4.90 -12.67
C LEU B 51 -8.24 -3.73 -13.18
N LYS B 52 -7.98 -2.54 -12.67
CA LYS B 52 -8.65 -1.33 -13.12
C LYS B 52 -7.80 -0.64 -14.17
N VAL B 53 -8.37 -0.41 -15.34
CA VAL B 53 -7.63 0.10 -16.50
C VAL B 53 -8.25 1.41 -16.94
N GLU B 54 -7.41 2.43 -17.12
CA GLU B 54 -7.84 3.74 -17.58
C GLU B 54 -7.11 4.05 -18.87
N SER B 55 -7.85 4.41 -19.91
CA SER B 55 -7.22 4.67 -21.19
C SER B 55 -6.31 5.88 -21.05
N ALA B 56 -5.08 5.76 -21.55
CA ALA B 56 -4.17 6.90 -21.54
C ALA B 56 -4.73 8.03 -22.42
N GLN B 57 -5.97 7.87 -22.86
CA GLN B 57 -6.43 8.61 -24.01
C GLN B 57 -7.58 9.52 -23.64
N GLN B 58 -8.36 9.14 -22.60
CA GLN B 58 -9.37 9.96 -21.95
C GLN B 58 -8.79 11.31 -21.56
N PRO B 59 -9.60 12.35 -21.57
CA PRO B 59 -9.10 13.68 -21.23
C PRO B 59 -8.80 13.79 -19.76
N LYS B 60 -9.74 13.30 -18.98
CA LYS B 60 -9.71 13.38 -17.52
C LYS B 60 -9.12 12.09 -17.00
N GLN B 61 -7.89 12.17 -16.52
CA GLN B 61 -7.16 11.00 -16.01
C GLN B 61 -7.00 11.14 -14.50
N VAL B 62 -7.68 10.26 -13.77
CA VAL B 62 -7.72 10.30 -12.32
C VAL B 62 -7.08 9.10 -11.68
N LEU B 63 -6.63 8.12 -12.47
CA LEU B 63 -6.18 6.84 -11.92
C LEU B 63 -4.91 7.00 -11.09
N LYS B 64 -4.04 7.95 -11.46
CA LYS B 64 -2.86 8.22 -10.64
C LYS B 64 -3.26 8.69 -9.24
N MET B 65 -4.27 9.57 -9.17
CA MET B 65 -4.79 10.00 -7.89
C MET B 65 -5.47 8.85 -7.15
N GLU B 66 -6.20 8.00 -7.87
CA GLU B 66 -6.81 6.83 -7.25
C GLU B 66 -5.76 5.94 -6.60
N VAL B 67 -4.63 5.74 -7.29
CA VAL B 67 -3.55 4.93 -6.74
C VAL B 67 -2.97 5.59 -5.48
N ALA B 68 -2.82 6.91 -5.50
CA ALA B 68 -2.27 7.61 -4.35
C ALA B 68 -3.14 7.43 -3.12
N VAL B 69 -4.46 7.57 -3.29
CA VAL B 69 -5.38 7.41 -2.16
C VAL B 69 -5.40 5.97 -1.68
N LEU B 70 -5.47 5.02 -2.62
CA LEU B 70 -5.48 3.60 -2.25
C LEU B 70 -4.23 3.22 -1.48
N LYS B 71 -3.07 3.73 -1.91
CA LYS B 71 -1.83 3.41 -1.21
C LYS B 71 -1.84 3.91 0.23
N LYS B 72 -2.26 5.14 0.46
CA LYS B 72 -2.14 5.61 1.84
C LYS B 72 -3.38 5.26 2.68
N LEU B 73 -4.35 4.52 2.13
CA LEU B 73 -5.36 3.82 2.92
C LEU B 73 -4.97 2.39 3.26
N GLN B 74 -3.80 1.93 2.82
CA GLN B 74 -3.36 0.58 3.12
C GLN B 74 -3.18 0.40 4.62
N GLY B 75 -3.65 -0.75 5.12
CA GLY B 75 -3.60 -1.02 6.55
C GLY B 75 -4.96 -0.88 7.20
N LYS B 76 -5.74 0.09 6.75
CA LYS B 76 -7.07 0.29 7.29
C LYS B 76 -7.99 -0.87 6.91
N ASP B 77 -9.07 -1.01 7.67
CA ASP B 77 -10.10 -1.95 7.29
C ASP B 77 -10.93 -1.37 6.15
N HIS B 78 -11.74 -2.23 5.54
CA HIS B 78 -12.67 -1.84 4.47
C HIS B 78 -11.95 -1.34 3.22
N VAL B 79 -10.69 -1.73 3.03
CA VAL B 79 -9.87 -1.25 1.92
C VAL B 79 -9.27 -2.44 1.19
N CYS B 80 -9.33 -2.41 -0.14
CA CYS B 80 -8.67 -3.43 -0.95
C CYS B 80 -7.16 -3.30 -0.78
N ARG B 81 -6.49 -4.44 -0.62
CA ARG B 81 -5.03 -4.42 -0.58
C ARG B 81 -4.50 -4.04 -1.96
N PHE B 82 -3.53 -3.14 -1.97
CA PHE B 82 -2.90 -2.71 -3.21
C PHE B 82 -1.92 -3.77 -3.67
N ILE B 83 -1.92 -4.05 -4.97
CA ILE B 83 -1.08 -5.08 -5.56
C ILE B 83 -0.07 -4.51 -6.55
N GLY B 84 -0.50 -3.61 -7.43
CA GLY B 84 0.42 -3.02 -8.38
C GLY B 84 -0.23 -1.90 -9.15
N CYS B 85 0.61 -1.20 -9.92
CA CYS B 85 0.16 -0.11 -10.79
C CYS B 85 1.22 0.13 -11.86
N GLY B 86 0.84 0.84 -12.90
CA GLY B 86 1.80 1.14 -13.96
C GLY B 86 1.18 1.98 -15.05
N ARG B 87 2.03 2.42 -15.97
CA ARG B 87 1.64 3.26 -17.10
C ARG B 87 2.31 2.78 -18.38
N ASN B 88 1.60 2.92 -19.49
CA ASN B 88 2.17 2.74 -20.81
C ASN B 88 1.49 3.75 -21.75
N GLU B 89 1.87 3.71 -23.03
CA GLU B 89 1.31 4.64 -23.99
C GLU B 89 -0.18 4.39 -24.23
N LYS B 90 -0.63 3.15 -24.06
CA LYS B 90 -2.03 2.85 -24.32
C LYS B 90 -2.91 3.13 -23.12
N PHE B 91 -2.49 2.71 -21.92
CA PHE B 91 -3.39 2.77 -20.78
C PHE B 91 -2.62 2.86 -19.47
N ASN B 92 -3.31 3.33 -18.44
CA ASN B 92 -2.88 3.29 -17.05
C ASN B 92 -3.67 2.20 -16.31
N TYR B 93 -3.04 1.61 -15.30
CA TYR B 93 -3.70 0.51 -14.59
C TYR B 93 -3.29 0.49 -13.13
N VAL B 94 -4.19 -0.03 -12.29
CA VAL B 94 -3.91 -0.38 -10.91
C VAL B 94 -4.43 -1.79 -10.67
N VAL B 95 -3.69 -2.57 -9.88
CA VAL B 95 -4.05 -3.94 -9.56
C VAL B 95 -4.36 -4.02 -8.08
N MET B 96 -5.50 -4.63 -7.74
CA MET B 96 -5.96 -4.62 -6.35
C MET B 96 -6.73 -5.89 -6.03
N GLN B 97 -6.99 -6.06 -4.74
CA GLN B 97 -7.76 -7.20 -4.23
C GLN B 97 -9.13 -7.28 -4.89
N LEU B 98 -9.48 -8.47 -5.36
CA LEU B 98 -10.81 -8.69 -5.93
C LEU B 98 -11.85 -8.85 -4.83
N GLN B 99 -13.01 -8.22 -5.03
CA GLN B 99 -14.11 -8.27 -4.09
C GLN B 99 -15.35 -8.88 -4.76
N GLY B 100 -16.45 -8.87 -4.05
CA GLY B 100 -17.69 -9.49 -4.49
C GLY B 100 -18.66 -8.48 -5.06
N ARG B 101 -19.95 -8.74 -4.85
CA ARG B 101 -21.01 -7.93 -5.44
C ARG B 101 -21.14 -6.60 -4.72
N ASN B 102 -21.44 -5.55 -5.49
CA ASN B 102 -21.62 -4.23 -4.91
C ASN B 102 -23.01 -4.10 -4.29
N LEU B 103 -23.16 -3.10 -3.42
CA LEU B 103 -24.39 -2.96 -2.63
C LEU B 103 -25.60 -2.57 -3.48
N ALA B 104 -25.39 -1.85 -4.59
CA ALA B 104 -26.52 -1.53 -5.47
C ALA B 104 -27.07 -2.79 -6.13
N ASP B 105 -26.19 -3.70 -6.56
CA ASP B 105 -26.63 -4.98 -7.09
C ASP B 105 -27.36 -5.79 -6.04
N LEU B 106 -26.81 -5.83 -4.82
CA LEU B 106 -27.41 -6.63 -3.76
C LEU B 106 -28.80 -6.13 -3.39
N ARG B 107 -28.97 -4.80 -3.31
CA ARG B 107 -30.28 -4.26 -2.97
C ARG B 107 -31.30 -4.59 -4.06
N ARG B 108 -30.91 -4.48 -5.31
CA ARG B 108 -31.84 -4.74 -6.41
C ARG B 108 -32.34 -6.17 -6.44
N SER B 109 -31.63 -7.10 -5.79
CA SER B 109 -32.08 -8.48 -5.70
C SER B 109 -32.97 -8.74 -4.49
N GLN B 110 -33.03 -7.82 -3.53
CA GLN B 110 -33.87 -8.03 -2.36
C GLN B 110 -35.35 -7.92 -2.75
N PRO B 111 -36.23 -8.61 -2.00
CA PRO B 111 -37.66 -8.64 -2.37
C PRO B 111 -38.26 -7.30 -2.76
N ARG B 112 -38.15 -6.27 -1.93
CA ARG B 112 -38.83 -5.03 -2.31
C ARG B 112 -37.80 -3.93 -2.51
N GLY B 113 -36.62 -4.28 -3.00
CA GLY B 113 -35.53 -3.34 -3.07
C GLY B 113 -35.18 -2.77 -1.72
N THR B 114 -35.45 -3.50 -0.63
CA THR B 114 -35.26 -2.99 0.71
C THR B 114 -34.38 -3.96 1.49
N PHE B 115 -33.62 -3.40 2.43
CA PHE B 115 -32.88 -4.18 3.39
C PHE B 115 -33.60 -4.15 4.73
N THR B 116 -33.44 -5.21 5.50
CA THR B 116 -33.78 -5.11 6.91
C THR B 116 -32.91 -4.02 7.55
N LEU B 117 -33.42 -3.44 8.63
CA LEU B 117 -32.57 -2.57 9.43
C LEU B 117 -31.35 -3.29 9.97
N SER B 118 -31.42 -4.61 10.14
CA SER B 118 -30.26 -5.34 10.64
C SER B 118 -29.08 -5.19 9.70
N THR B 119 -29.30 -5.39 8.40
CA THR B 119 -28.23 -5.22 7.43
C THR B 119 -28.00 -3.75 7.10
N THR B 120 -29.05 -2.94 7.08
CA THR B 120 -28.89 -1.52 6.81
C THR B 120 -27.98 -0.86 7.85
N LEU B 121 -28.24 -1.13 9.13
CA LEU B 121 -27.47 -0.48 10.18
C LEU B 121 -26.03 -0.96 10.20
N ARG B 122 -25.82 -2.26 9.98
CA ARG B 122 -24.47 -2.81 10.05
C ARG B 122 -23.64 -2.44 8.83
N LEU B 123 -24.28 -2.31 7.66
CA LEU B 123 -23.60 -1.74 6.50
C LEU B 123 -23.21 -0.29 6.76
N GLY B 124 -24.14 0.49 7.32
CA GLY B 124 -23.84 1.87 7.62
C GLY B 124 -22.70 2.05 8.60
N LYS B 125 -22.57 1.11 9.56
CA LYS B 125 -21.42 1.11 10.44
C LYS B 125 -20.13 0.94 9.67
N GLN B 126 -20.09 -0.02 8.74
CA GLN B 126 -18.89 -0.27 7.97
C GLN B 126 -18.58 0.88 7.01
N ILE B 127 -19.61 1.42 6.37
CA ILE B 127 -19.42 2.53 5.44
C ILE B 127 -18.91 3.77 6.18
N LEU B 128 -19.48 4.05 7.35
CA LEU B 128 -19.02 5.18 8.16
C LEU B 128 -17.54 5.02 8.51
N GLU B 129 -17.12 3.81 8.87
CA GLU B 129 -15.72 3.57 9.19
C GLU B 129 -14.83 3.85 7.98
N SER B 130 -15.23 3.36 6.80
CA SER B 130 -14.45 3.62 5.59
C SER B 130 -14.42 5.11 5.25
N ILE B 131 -15.50 5.83 5.55
CA ILE B 131 -15.53 7.26 5.27
C ILE B 131 -14.59 8.03 6.20
N GLU B 132 -14.62 7.69 7.50
CA GLU B 132 -13.66 8.31 8.40
C GLU B 132 -12.22 7.95 8.03
N ALA B 133 -12.02 6.76 7.46
CA ALA B 133 -10.67 6.34 7.09
C ALA B 133 -10.10 7.19 5.97
N ILE B 134 -10.86 7.39 4.89
CA ILE B 134 -10.37 8.22 3.79
C ILE B 134 -10.23 9.67 4.23
N HIS B 135 -11.13 10.14 5.10
CA HIS B 135 -11.02 11.50 5.61
C HIS B 135 -9.75 11.65 6.45
N SER B 136 -9.40 10.64 7.23
CA SER B 136 -8.23 10.72 8.10
C SER B 136 -6.93 10.84 7.32
N VAL B 137 -6.92 10.49 6.04
CA VAL B 137 -5.73 10.62 5.21
C VAL B 137 -5.81 11.84 4.29
N GLY B 138 -6.75 12.75 4.55
CA GLY B 138 -6.78 14.03 3.88
C GLY B 138 -7.59 14.12 2.62
N PHE B 139 -8.48 13.17 2.35
CA PHE B 139 -9.20 13.12 1.08
C PHE B 139 -10.70 12.97 1.30
N LEU B 140 -11.47 13.65 0.47
CA LEU B 140 -12.91 13.45 0.37
C LEU B 140 -13.19 12.43 -0.73
N HIS B 141 -14.23 11.63 -0.55
CA HIS B 141 -14.58 10.66 -1.58
C HIS B 141 -15.37 11.32 -2.72
N ARG B 142 -16.46 11.99 -2.37
CA ARG B 142 -17.31 12.82 -3.24
C ARG B 142 -18.23 12.01 -4.16
N ASP B 143 -18.17 10.67 -4.13
CA ASP B 143 -19.12 9.85 -4.89
C ASP B 143 -19.62 8.69 -4.02
N ILE B 144 -20.04 8.99 -2.79
CA ILE B 144 -20.56 7.94 -1.92
C ILE B 144 -21.92 7.49 -2.45
N LYS B 145 -22.00 6.23 -2.86
CA LYS B 145 -23.22 5.66 -3.41
C LYS B 145 -23.13 4.14 -3.30
N PRO B 146 -24.27 3.43 -3.35
CA PRO B 146 -24.25 1.98 -3.07
C PRO B 146 -23.36 1.17 -4.00
N SER B 147 -23.24 1.58 -5.27
CA SER B 147 -22.46 0.81 -6.22
C SER B 147 -20.96 0.98 -6.02
N ASN B 148 -20.54 1.90 -5.16
CA ASN B 148 -19.13 2.10 -4.86
C ASN B 148 -18.70 1.37 -3.60
N PHE B 149 -19.50 0.43 -3.13
CA PHE B 149 -19.17 -0.41 -1.99
C PHE B 149 -19.49 -1.86 -2.35
N ALA B 150 -18.59 -2.77 -1.97
CA ALA B 150 -18.75 -4.17 -2.33
C ALA B 150 -18.43 -5.05 -1.12
N MET B 151 -19.19 -6.13 -0.99
CA MET B 151 -18.87 -7.15 0.00
C MET B 151 -17.71 -8.01 -0.48
N GLY B 152 -17.03 -8.65 0.47
CA GLY B 152 -15.99 -9.60 0.12
C GLY B 152 -16.55 -10.82 -0.58
N ARG B 153 -15.62 -11.61 -1.14
CA ARG B 153 -15.98 -12.77 -1.94
C ARG B 153 -15.44 -14.07 -1.36
N LEU B 154 -14.79 -14.02 -0.21
CA LEU B 154 -14.15 -15.18 0.40
C LEU B 154 -14.67 -15.33 1.82
N PRO B 155 -14.63 -16.55 2.37
CA PRO B 155 -15.35 -16.82 3.63
C PRO B 155 -14.98 -15.92 4.79
N SER B 156 -13.74 -15.43 4.86
CA SER B 156 -13.38 -14.50 5.92
C SER B 156 -13.78 -13.07 5.60
N THR B 157 -14.25 -12.80 4.38
CA THR B 157 -14.59 -11.46 3.96
C THR B 157 -16.02 -11.29 3.49
N TYR B 158 -16.83 -12.35 3.46
CA TYR B 158 -18.20 -12.25 2.95
C TYR B 158 -18.98 -11.15 3.65
N ARG B 159 -18.70 -10.92 4.93
CA ARG B 159 -19.43 -9.93 5.72
C ARG B 159 -18.64 -8.64 5.92
N LYS B 160 -17.59 -8.42 5.12
CA LYS B 160 -16.80 -7.20 5.14
C LYS B 160 -17.16 -6.34 3.93
N CYS B 161 -17.34 -5.05 4.18
CA CYS B 161 -17.75 -4.09 3.16
C CYS B 161 -16.57 -3.21 2.76
N TYR B 162 -16.36 -3.05 1.46
CA TYR B 162 -15.18 -2.38 0.93
C TYR B 162 -15.56 -1.15 0.13
N MET B 163 -14.87 -0.04 0.41
CA MET B 163 -15.05 1.20 -0.32
C MET B 163 -14.29 1.14 -1.64
N LEU B 164 -14.92 1.63 -2.71
CA LEU B 164 -14.34 1.55 -4.05
C LEU B 164 -14.36 2.93 -4.71
N ASP B 165 -13.61 3.03 -5.83
CA ASP B 165 -13.67 4.13 -6.78
C ASP B 165 -13.34 5.50 -6.22
N PHE B 166 -12.05 5.75 -5.97
CA PHE B 166 -11.57 7.06 -5.55
C PHE B 166 -11.39 8.04 -6.72
N GLY B 167 -12.10 7.84 -7.83
CA GLY B 167 -11.88 8.64 -9.03
C GLY B 167 -12.35 10.08 -8.93
N LEU B 168 -13.33 10.36 -8.07
CA LEU B 168 -13.79 11.70 -7.76
C LEU B 168 -13.18 12.30 -6.50
N ALA B 169 -12.24 11.60 -5.87
CA ALA B 169 -11.69 12.07 -4.62
C ALA B 169 -11.03 13.44 -4.77
N ARG B 170 -11.00 14.19 -3.69
CA ARG B 170 -10.24 15.44 -3.66
C ARG B 170 -9.58 15.60 -2.29
N GLN B 171 -8.33 16.04 -2.32
CA GLN B 171 -7.60 16.32 -1.10
C GLN B 171 -8.12 17.62 -0.50
N TYR B 172 -8.58 17.56 0.75
CA TYR B 172 -9.05 18.73 1.45
C TYR B 172 -8.02 19.28 2.44
N THR B 173 -6.89 18.58 2.59
CA THR B 173 -5.87 19.01 3.53
C THR B 173 -4.48 18.59 3.08
N ASP B 178 -4.29 20.50 8.24
CA ASP B 178 -4.02 21.57 7.28
C ASP B 178 -5.13 21.68 6.24
N VAL B 179 -6.34 21.99 6.70
CA VAL B 179 -7.49 22.07 5.80
C VAL B 179 -7.29 23.20 4.80
N ARG B 180 -7.49 22.89 3.52
CA ARG B 180 -7.20 23.83 2.44
C ARG B 180 -8.33 24.84 2.25
N PRO B 181 -8.04 25.96 1.60
CA PRO B 181 -9.05 27.01 1.44
C PRO B 181 -10.05 26.65 0.35
N PRO B 182 -11.32 26.95 0.55
CA PRO B 182 -12.37 26.52 -0.37
C PRO B 182 -12.42 27.40 -1.62
N ARG B 183 -13.34 27.04 -2.51
CA ARG B 183 -13.64 27.76 -3.73
C ARG B 183 -15.15 27.99 -3.79
N ASN B 184 -15.54 29.15 -4.29
CA ASN B 184 -16.96 29.49 -4.35
C ASN B 184 -17.72 28.56 -5.29
N VAL B 185 -17.13 28.26 -6.45
CA VAL B 185 -17.76 27.42 -7.46
C VAL B 185 -16.99 26.12 -7.55
N ALA B 186 -17.69 24.99 -7.39
CA ALA B 186 -17.10 23.66 -7.50
C ALA B 186 -18.10 22.77 -8.22
N GLY B 187 -17.81 22.46 -9.50
CA GLY B 187 -18.81 21.87 -10.36
C GLY B 187 -19.11 20.41 -10.04
N PHE B 188 -20.29 19.99 -10.46
CA PHE B 188 -20.89 18.72 -10.04
C PHE B 188 -21.24 17.83 -11.22
N GLY B 190 -21.09 14.09 -7.42
CA GLY B 190 -21.02 13.23 -8.58
C GLY B 190 -22.38 12.71 -9.01
N THR B 191 -22.88 11.72 -8.29
CA THR B 191 -24.18 11.12 -8.61
C THR B 191 -25.30 11.93 -7.98
N VAL B 192 -26.31 12.26 -8.80
CA VAL B 192 -27.38 13.15 -8.37
C VAL B 192 -28.14 12.60 -7.17
N ARG B 193 -28.47 11.30 -7.20
CA ARG B 193 -29.43 10.78 -6.24
C ARG B 193 -28.93 10.95 -4.80
N TYR B 194 -27.64 10.75 -4.57
CA TYR B 194 -27.08 10.79 -3.23
C TYR B 194 -26.24 12.03 -2.96
N ALA B 195 -26.24 12.99 -3.87
CA ALA B 195 -25.47 14.21 -3.66
C ALA B 195 -26.14 15.09 -2.61
N SER B 196 -25.31 15.72 -1.77
CA SER B 196 -25.84 16.63 -0.76
C SER B 196 -26.37 17.90 -1.41
N VAL B 197 -27.10 18.69 -0.61
CA VAL B 197 -27.61 19.97 -1.11
C VAL B 197 -26.46 20.90 -1.46
N ASN B 198 -25.37 20.82 -0.69
CA ASN B 198 -24.21 21.67 -0.93
C ASN B 198 -23.59 21.35 -2.28
N ALA B 199 -23.53 20.06 -2.62
CA ALA B 199 -23.04 19.65 -3.93
C ALA B 199 -23.95 20.14 -5.05
N HIS B 200 -25.26 20.06 -4.83
CA HIS B 200 -26.21 20.59 -5.82
C HIS B 200 -25.97 22.07 -6.08
N LYS B 201 -25.44 22.78 -5.09
CA LYS B 201 -25.23 24.22 -5.17
C LYS B 201 -23.82 24.63 -5.60
N ASN B 202 -22.96 23.67 -5.93
CA ASN B 202 -21.64 23.95 -6.50
C ASN B 202 -20.77 24.73 -5.53
N ARG B 203 -20.79 24.30 -4.28
CA ARG B 203 -19.85 24.74 -3.27
C ARG B 203 -18.73 23.70 -3.20
N GLU B 204 -17.66 24.07 -2.51
CA GLU B 204 -16.73 23.03 -2.09
C GLU B 204 -17.43 22.00 -1.20
N MET B 205 -17.28 20.75 -1.54
CA MET B 205 -17.79 19.72 -0.67
C MET B 205 -16.83 19.56 0.50
N GLY B 206 -17.40 19.29 1.65
CA GLY B 206 -16.58 19.08 2.81
C GLY B 206 -16.71 17.65 3.25
N ARG B 207 -16.16 17.30 4.42
CA ARG B 207 -16.32 15.93 4.91
C ARG B 207 -17.78 15.61 5.21
N HIS B 208 -18.57 16.62 5.59
CA HIS B 208 -19.97 16.40 5.92
C HIS B 208 -20.79 15.97 4.70
N ASP B 209 -20.36 16.36 3.50
CA ASP B 209 -21.11 16.00 2.29
C ASP B 209 -20.97 14.52 1.97
N ASP B 210 -19.80 13.92 2.26
CA ASP B 210 -19.70 12.47 2.21
C ASP B 210 -20.69 11.83 3.16
N LEU B 211 -20.90 12.44 4.33
CA LEU B 211 -21.83 11.89 5.31
C LEU B 211 -23.28 12.13 4.92
N TRP B 212 -23.57 13.20 4.18
CA TRP B 212 -24.91 13.38 3.64
C TRP B 212 -25.25 12.25 2.67
N SER B 213 -24.29 11.85 1.84
CA SER B 213 -24.50 10.74 0.92
C SER B 213 -24.74 9.44 1.69
N LEU B 214 -24.01 9.24 2.78
CA LEU B 214 -24.26 8.07 3.62
C LEU B 214 -25.68 8.08 4.17
N PHE B 215 -26.15 9.25 4.62
CA PHE B 215 -27.50 9.35 5.15
C PHE B 215 -28.54 8.99 4.10
N TYR B 216 -28.37 9.50 2.87
CA TYR B 216 -29.34 9.21 1.82
C TYR B 216 -29.33 7.73 1.44
N MET B 217 -28.14 7.11 1.42
CA MET B 217 -28.07 5.69 1.13
C MET B 217 -28.84 4.87 2.16
N LEU B 218 -28.67 5.18 3.44
CA LEU B 218 -29.28 4.36 4.49
C LEU B 218 -30.79 4.47 4.47
N VAL B 219 -31.31 5.67 4.20
CA VAL B 219 -32.75 5.82 4.01
C VAL B 219 -33.22 4.99 2.83
N GLU B 220 -32.49 5.05 1.72
CA GLU B 220 -32.84 4.26 0.55
C GLU B 220 -32.78 2.76 0.86
N PHE B 221 -31.79 2.35 1.66
CA PHE B 221 -31.70 0.95 2.05
C PHE B 221 -32.93 0.53 2.86
N ALA B 222 -33.23 1.28 3.92
CA ALA B 222 -34.28 0.88 4.85
C ALA B 222 -35.68 1.10 4.28
N VAL B 223 -35.85 2.15 3.47
CA VAL B 223 -37.17 2.46 2.90
C VAL B 223 -37.33 1.86 1.51
N GLY B 224 -36.24 1.55 0.81
CA GLY B 224 -36.30 1.02 -0.53
C GLY B 224 -36.33 2.05 -1.62
N GLN B 225 -36.49 3.33 -1.27
CA GLN B 225 -36.66 4.40 -2.25
C GLN B 225 -36.13 5.69 -1.68
N LEU B 226 -35.78 6.63 -2.56
CA LEU B 226 -35.68 8.02 -2.18
C LEU B 226 -36.76 8.83 -2.87
N PRO B 227 -37.25 9.90 -2.26
CA PRO B 227 -38.39 10.63 -2.86
C PRO B 227 -38.11 11.22 -4.22
N TRP B 228 -36.88 11.70 -4.46
CA TRP B 228 -36.51 12.25 -5.76
C TRP B 228 -35.99 11.19 -6.70
N ARG B 229 -36.31 9.92 -6.43
CA ARG B 229 -36.09 8.87 -7.40
C ARG B 229 -36.59 9.16 -8.80
N LYS B 230 -35.68 8.86 -9.74
CA LYS B 230 -35.86 8.79 -11.19
C LYS B 230 -36.15 10.15 -11.79
N ILE B 231 -35.77 11.23 -11.12
CA ILE B 231 -36.01 12.57 -11.63
C ILE B 231 -34.84 13.00 -12.50
N LYS B 232 -35.15 13.53 -13.68
CA LYS B 232 -34.11 13.83 -14.67
C LYS B 232 -33.36 15.11 -14.34
N ASP B 233 -34.07 16.18 -13.97
CA ASP B 233 -33.44 17.49 -13.82
C ASP B 233 -32.62 17.52 -12.54
N LYS B 234 -31.29 17.60 -12.71
CA LYS B 234 -30.38 17.64 -11.57
C LYS B 234 -30.67 18.85 -10.69
N GLU B 235 -30.87 20.01 -11.31
CA GLU B 235 -31.21 21.21 -10.55
C GLU B 235 -32.50 21.04 -9.78
N GLN B 236 -33.50 20.39 -10.37
CA GLN B 236 -34.78 20.20 -9.71
C GLN B 236 -34.67 19.26 -8.51
N VAL B 237 -33.84 18.21 -8.61
CA VAL B 237 -33.60 17.35 -7.46
C VAL B 237 -33.04 18.16 -6.30
N GLY B 238 -32.09 19.06 -6.59
CA GLY B 238 -31.51 19.87 -5.53
C GLY B 238 -32.53 20.73 -4.82
N MET B 239 -33.42 21.39 -5.58
CA MET B 239 -34.48 22.18 -4.96
C MET B 239 -35.41 21.31 -4.15
N ILE B 240 -35.71 20.11 -4.62
CA ILE B 240 -36.49 19.17 -3.83
C ILE B 240 -35.79 18.89 -2.51
N LYS B 241 -34.51 18.53 -2.56
CA LYS B 241 -33.75 18.28 -1.34
C LYS B 241 -33.74 19.52 -0.47
N GLU B 242 -33.71 20.71 -1.10
CA GLU B 242 -33.37 21.91 -0.34
C GLU B 242 -34.52 22.20 0.59
N LYS B 243 -35.73 22.21 0.01
CA LYS B 243 -37.04 22.42 0.62
C LYS B 243 -37.61 21.18 1.31
N TYR B 244 -37.14 19.98 0.98
CA TYR B 244 -37.69 18.78 1.57
C TYR B 244 -37.57 18.84 3.09
N GLU B 245 -38.67 18.51 3.78
CA GLU B 245 -38.62 18.40 5.22
C GLU B 245 -37.90 17.10 5.56
N HIS B 246 -36.58 17.18 5.74
CA HIS B 246 -35.76 15.99 5.93
C HIS B 246 -36.15 15.21 7.18
N ARG B 247 -36.98 15.78 8.05
CA ARG B 247 -37.58 14.98 9.12
C ARG B 247 -38.45 13.88 8.56
N MET B 248 -39.07 14.10 7.39
CA MET B 248 -39.90 13.06 6.79
C MET B 248 -39.08 11.82 6.42
N LEU B 249 -37.79 11.98 6.09
CA LEU B 249 -37.01 10.79 5.77
C LEU B 249 -36.81 9.89 6.99
N LEU B 250 -36.95 10.45 8.20
CA LEU B 250 -36.77 9.70 9.43
C LEU B 250 -37.99 8.88 9.82
N LYS B 251 -39.09 8.98 9.06
CA LYS B 251 -40.36 8.38 9.46
C LYS B 251 -40.21 6.90 9.75
N HIS B 252 -39.43 6.20 8.92
CA HIS B 252 -39.23 4.76 9.07
C HIS B 252 -37.88 4.41 9.67
N MET B 253 -37.10 5.39 10.10
CA MET B 253 -35.78 5.15 10.63
C MET B 253 -35.83 4.98 12.14
N PRO B 254 -34.83 4.37 12.75
CA PRO B 254 -34.78 4.34 14.22
C PRO B 254 -34.74 5.74 14.79
N SER B 255 -35.33 5.89 15.98
CA SER B 255 -35.57 7.22 16.54
C SER B 255 -34.28 8.02 16.66
N GLU B 256 -33.18 7.36 17.03
CA GLU B 256 -31.94 8.08 17.25
C GLU B 256 -31.29 8.59 15.97
N PHE B 257 -31.81 8.26 14.79
CA PHE B 257 -31.27 8.85 13.57
C PHE B 257 -31.45 10.36 13.51
N HIS B 258 -32.33 10.95 14.31
CA HIS B 258 -32.45 12.39 14.28
C HIS B 258 -31.16 13.07 14.71
N LEU B 259 -30.38 12.42 15.58
CA LEU B 259 -29.06 12.92 15.94
C LEU B 259 -28.13 12.91 14.73
N PHE B 260 -28.17 11.83 13.96
CA PHE B 260 -27.35 11.72 12.75
C PHE B 260 -27.67 12.84 11.78
N LEU B 261 -28.95 13.02 11.47
CA LEU B 261 -29.38 14.09 10.58
C LEU B 261 -29.01 15.45 11.13
N ASP B 262 -29.31 15.70 12.42
CA ASP B 262 -29.04 17.01 12.99
C ASP B 262 -27.55 17.33 12.98
N HIS B 263 -26.71 16.34 13.29
CA HIS B 263 -25.28 16.59 13.37
C HIS B 263 -24.70 17.01 12.02
N ILE B 264 -25.02 16.25 10.96
CA ILE B 264 -24.47 16.57 9.65
C ILE B 264 -25.04 17.88 9.12
N ALA B 265 -26.29 18.20 9.46
CA ALA B 265 -26.86 19.47 9.05
C ALA B 265 -26.17 20.65 9.75
N SER B 266 -25.66 20.43 10.96
CA SER B 266 -24.99 21.48 11.72
C SER B 266 -23.54 21.70 11.29
N LEU B 267 -23.02 20.86 10.41
CA LEU B 267 -21.62 20.94 10.01
C LEU B 267 -21.43 21.92 8.86
N ASP B 268 -20.23 22.49 8.78
CA ASP B 268 -19.75 23.20 7.61
C ASP B 268 -18.46 22.55 7.13
N TYR B 269 -17.84 23.16 6.11
CA TYR B 269 -16.69 22.54 5.44
C TYR B 269 -15.47 22.44 6.34
N PHE B 270 -15.32 23.35 7.32
CA PHE B 270 -14.13 23.39 8.14
C PHE B 270 -14.17 22.50 9.38
N THR B 271 -15.35 22.01 9.78
CA THR B 271 -15.49 21.30 11.04
C THR B 271 -15.35 19.79 10.83
N LYS B 272 -14.46 19.17 11.62
CA LYS B 272 -14.32 17.72 11.66
C LYS B 272 -15.61 17.09 12.18
N PRO B 273 -16.25 16.19 11.42
CA PRO B 273 -17.47 15.55 11.90
C PRO B 273 -17.21 14.69 13.13
N ASP B 274 -18.25 14.52 13.93
CA ASP B 274 -18.21 13.63 15.09
C ASP B 274 -18.59 12.23 14.61
N TYR B 275 -17.59 11.49 14.14
CA TYR B 275 -17.85 10.16 13.58
C TYR B 275 -18.37 9.20 14.63
N GLN B 276 -17.82 9.26 15.86
CA GLN B 276 -18.27 8.35 16.91
C GLN B 276 -19.71 8.64 17.34
N LEU B 277 -20.15 9.89 17.23
CA LEU B 277 -21.55 10.18 17.51
C LEU B 277 -22.46 9.44 16.54
N ILE B 278 -22.11 9.47 15.24
CA ILE B 278 -22.88 8.73 14.25
C ILE B 278 -22.76 7.23 14.49
N MET B 279 -21.56 6.75 14.84
CA MET B 279 -21.39 5.34 15.14
C MET B 279 -22.24 4.92 16.33
N SER B 280 -22.30 5.75 17.37
CA SER B 280 -23.13 5.44 18.53
C SER B 280 -24.60 5.36 18.13
N VAL B 281 -25.05 6.22 17.21
CA VAL B 281 -26.44 6.18 16.76
C VAL B 281 -26.75 4.83 16.14
N PHE B 282 -25.85 4.33 15.28
CA PHE B 282 -26.06 3.03 14.66
C PHE B 282 -26.08 1.93 15.70
N GLU B 283 -25.12 1.96 16.61
CA GLU B 283 -24.98 0.92 17.62
C GLU B 283 -26.11 0.97 18.65
N ASN B 284 -26.54 2.17 19.05
CA ASN B 284 -27.70 2.28 19.92
C ASN B 284 -28.95 1.76 19.22
N SER B 285 -29.09 2.06 17.93
CA SER B 285 -30.23 1.58 17.16
C SER B 285 -30.22 0.05 17.05
N MET B 286 -29.04 -0.55 16.91
CA MET B 286 -28.95 -2.01 16.87
C MET B 286 -29.29 -2.61 18.22
N LYS B 287 -28.68 -2.08 19.28
CA LYS B 287 -29.00 -2.50 20.64
C LYS B 287 -30.51 -2.43 20.88
N GLU B 288 -31.12 -1.35 20.41
CA GLU B 288 -32.55 -1.12 20.61
C GLU B 288 -33.40 -2.17 19.87
N ARG B 289 -32.92 -2.68 18.74
CA ARG B 289 -33.60 -3.74 18.02
C ARG B 289 -33.09 -5.12 18.37
N GLY B 290 -32.13 -5.24 19.28
CA GLY B 290 -31.56 -6.55 19.56
C GLY B 290 -30.85 -7.13 18.37
N ILE B 291 -30.13 -6.30 17.62
CA ILE B 291 -29.35 -6.75 16.48
C ILE B 291 -27.93 -7.01 16.95
N ALA B 292 -27.45 -8.23 16.72
CA ALA B 292 -26.08 -8.58 17.05
C ALA B 292 -25.14 -8.23 15.90
N GLU B 293 -23.86 -8.02 16.24
CA GLU B 293 -22.89 -7.57 15.25
C GLU B 293 -22.73 -8.56 14.11
N ASN B 294 -22.79 -9.85 14.40
CA ASN B 294 -22.68 -10.87 13.35
C ASN B 294 -24.00 -11.63 13.28
N GLU B 295 -24.95 -11.04 12.55
CA GLU B 295 -26.12 -11.72 12.04
C GLU B 295 -25.97 -11.85 10.54
N ALA B 296 -26.72 -12.78 9.95
CA ALA B 296 -26.66 -12.94 8.50
C ALA B 296 -27.22 -11.71 7.81
N PHE B 297 -26.56 -11.29 6.73
CA PHE B 297 -27.13 -10.24 5.91
C PHE B 297 -28.30 -10.79 5.09
N ASP B 298 -29.09 -9.87 4.53
CA ASP B 298 -30.33 -10.27 3.86
C ASP B 298 -30.07 -11.20 2.68
N TRP B 299 -28.97 -10.99 1.96
CA TRP B 299 -28.62 -11.86 0.85
C TRP B 299 -28.04 -13.20 1.30
N GLU B 300 -27.78 -13.36 2.59
CA GLU B 300 -27.35 -14.64 3.15
C GLU B 300 -28.52 -15.38 3.80
N LYS B 301 -29.51 -15.72 2.98
CA LYS B 301 -30.76 -16.33 3.46
C LYS B 301 -31.41 -15.48 4.55
#